data_3VZW
#
_entry.id   3VZW
#
_cell.length_a   84.343
_cell.length_b   84.343
_cell.length_c   105.952
_cell.angle_alpha   90.00
_cell.angle_beta   90.00
_cell.angle_gamma   120.00
#
_symmetry.space_group_name_H-M   'P 63'
#
loop_
_entity.id
_entity.type
_entity.pdbx_description
1 polymer 'outer membrane proteins'
2 non-polymer beta-D-galactopyranose
3 non-polymer 'CESIUM ION'
#
_entity_poly.entity_id   1
_entity_poly.type   'polypeptide(L)'
_entity_poly.pdbx_seq_one_letter_code
;MASMTGGQQMGRDLQVTLYGTIKAGVEVSRVKDAGTYKAQGGKSKTATQIADFGSKIGFKGQEDLGNGMKAIWQLEQKAS
IAGTNSGWGNRQSFIGLKGGFGTVRAGNLNTVLKDSGDNVNAWESGSNTEDVLGLGTIGRVESREISVRYDSPVFAGFSG
SVQYVPRDNANDVDKYKHTKSSRESYHAGLKYENAGFFGQYAGSFAKYADLNTDAERVAVNTANAHPVKDYQVHRVVAGY
DANDLYVSVAGQYEAAKNNEVGSIKGKKHEQTQVAATAAYRFGNVTPRVSYAHGFKAKVNGVKDANYQYDQVIVGADYDF
SKRTSALVSAGWLKQGKGAGKVEQTASMVGLRHKF
;
_entity_poly.pdbx_strand_id   X
#
# COMPACT_ATOMS: atom_id res chain seq x y z
N GLN A 15 -27.54 -11.04 11.10
CA GLN A 15 -26.09 -11.39 11.28
C GLN A 15 -25.13 -10.23 10.98
N VAL A 16 -24.37 -9.86 12.00
CA VAL A 16 -23.41 -8.77 11.91
C VAL A 16 -22.30 -9.00 12.91
N THR A 17 -21.05 -8.78 12.52
CA THR A 17 -19.96 -8.99 13.47
C THR A 17 -19.09 -7.74 13.66
N LEU A 18 -18.46 -7.67 14.83
CA LEU A 18 -17.57 -6.57 15.20
C LEU A 18 -16.13 -7.08 15.17
N TYR A 19 -15.24 -6.32 14.56
CA TYR A 19 -13.86 -6.76 14.46
C TYR A 19 -12.93 -5.56 14.45
N GLY A 20 -11.65 -5.83 14.36
CA GLY A 20 -10.73 -4.74 14.36
C GLY A 20 -9.45 -5.30 14.91
N THR A 21 -8.54 -4.40 15.22
CA THR A 21 -7.28 -4.84 15.74
C THR A 21 -6.66 -3.58 16.36
N ILE A 22 -5.95 -3.79 17.45
CA ILE A 22 -5.31 -2.69 18.16
C ILE A 22 -3.84 -2.98 18.09
N LYS A 23 -3.08 -2.09 17.51
CA LYS A 23 -1.66 -2.31 17.39
C LYS A 23 -0.86 -1.04 17.68
N ALA A 24 0.03 -1.13 18.67
CA ALA A 24 0.89 -0.01 19.08
C ALA A 24 2.27 -0.49 19.54
N GLY A 25 3.21 0.44 19.67
CA GLY A 25 4.55 0.08 20.11
C GLY A 25 5.42 1.31 20.25
N VAL A 26 6.66 1.12 20.67
CA VAL A 26 7.56 2.27 20.77
C VAL A 26 8.55 2.11 19.65
N GLU A 27 8.83 3.20 18.95
CA GLU A 27 9.77 3.19 17.83
C GLU A 27 10.86 4.24 17.92
N VAL A 28 12.11 3.78 17.78
CA VAL A 28 13.28 4.64 17.83
C VAL A 28 13.72 4.93 16.39
N SER A 29 14.01 6.20 16.11
CA SER A 29 14.43 6.58 14.76
C SER A 29 15.42 7.74 14.76
N ARG A 30 16.19 7.82 13.67
CA ARG A 30 17.20 8.85 13.48
C ARG A 30 17.33 9.03 11.97
N VAL A 31 17.48 10.27 11.52
CA VAL A 31 17.61 10.52 10.09
C VAL A 31 18.94 11.19 9.77
N LYS A 32 19.58 10.74 8.69
CA LYS A 32 20.85 11.29 8.26
C LYS A 32 20.59 12.06 6.97
N ASP A 33 20.64 13.38 7.07
CA ASP A 33 20.42 14.28 5.94
C ASP A 33 21.42 15.41 6.11
N ALA A 34 22.20 15.69 5.08
CA ALA A 34 23.17 16.76 5.17
C ALA A 34 22.54 18.13 4.92
N GLY A 35 21.43 18.14 4.19
CA GLY A 35 20.76 19.40 3.89
C GLY A 35 19.94 20.05 4.99
N THR A 36 19.18 19.24 5.74
CA THR A 36 18.34 19.78 6.81
C THR A 36 18.98 19.79 8.20
N TYR A 37 19.90 18.87 8.45
CA TYR A 37 20.59 18.80 9.75
C TYR A 37 22.06 19.13 9.53
N LYS A 38 22.59 20.08 10.27
CA LYS A 38 23.99 20.45 10.07
C LYS A 38 24.98 19.83 11.08
N ALA A 39 24.48 19.37 12.21
CA ALA A 39 25.34 18.80 13.24
C ALA A 39 25.80 17.35 13.04
N GLN A 40 27.12 17.13 13.09
CA GLN A 40 27.75 15.80 13.01
C GLN A 40 27.70 14.98 11.70
N GLY A 41 27.98 15.60 10.56
CA GLY A 41 27.95 14.84 9.32
C GLY A 41 26.53 14.58 8.87
N GLY A 42 25.66 15.54 9.17
CA GLY A 42 24.27 15.46 8.78
C GLY A 42 23.33 14.59 9.62
N LYS A 43 23.78 14.02 10.72
CA LYS A 43 22.93 13.17 11.56
C LYS A 43 21.99 13.95 12.50
N SER A 44 20.72 13.53 12.52
CA SER A 44 19.73 14.16 13.37
C SER A 44 19.85 13.45 14.72
N LYS A 45 19.09 13.90 15.71
CA LYS A 45 19.13 13.24 17.01
C LYS A 45 18.21 12.05 16.91
N THR A 46 18.27 11.15 17.89
CA THR A 46 17.42 9.99 17.85
C THR A 46 16.11 10.22 18.60
N ALA A 47 15.01 10.11 17.87
CA ALA A 47 13.68 10.30 18.43
C ALA A 47 13.07 8.97 18.83
N THR A 48 12.52 8.91 20.04
CA THR A 48 11.88 7.72 20.60
C THR A 48 10.42 8.00 20.91
N GLN A 49 9.50 7.27 20.25
CA GLN A 49 8.07 7.51 20.47
C GLN A 49 7.17 6.31 20.68
N ILE A 50 6.02 6.59 21.30
CA ILE A 50 4.97 5.60 21.51
C ILE A 50 4.11 5.94 20.29
N ALA A 51 3.75 4.95 19.48
CA ALA A 51 2.96 5.25 18.30
C ALA A 51 1.94 4.17 17.98
N ASP A 52 0.82 4.60 17.39
CA ASP A 52 -0.21 3.64 17.02
C ASP A 52 0.21 3.05 15.68
N PHE A 53 0.18 1.73 15.57
CA PHE A 53 0.57 1.07 14.34
C PHE A 53 -0.57 0.95 13.34
N GLY A 54 -1.62 1.76 13.56
CA GLY A 54 -2.77 1.77 12.68
C GLY A 54 -3.97 0.96 13.17
N SER A 55 -4.28 1.07 14.46
CA SER A 55 -5.41 0.34 15.01
C SER A 55 -6.67 0.66 14.21
N LYS A 56 -7.56 -0.31 14.10
CA LYS A 56 -8.80 -0.10 13.34
C LYS A 56 -9.95 -0.92 13.92
N ILE A 57 -11.16 -0.48 13.68
CA ILE A 57 -12.33 -1.17 14.21
C ILE A 57 -13.47 -1.10 13.18
N GLY A 58 -14.08 -2.25 12.90
CA GLY A 58 -15.13 -2.27 11.91
C GLY A 58 -16.31 -3.19 12.21
N PHE A 59 -17.38 -3.00 11.45
CA PHE A 59 -18.61 -3.77 11.57
C PHE A 59 -18.95 -4.28 10.18
N LYS A 60 -19.20 -5.57 10.08
CA LYS A 60 -19.54 -6.15 8.80
C LYS A 60 -20.65 -7.14 9.03
N GLY A 61 -21.41 -7.44 7.99
CA GLY A 61 -22.50 -8.36 8.16
C GLY A 61 -22.87 -8.99 6.84
N GLN A 62 -23.62 -10.08 6.91
CA GLN A 62 -24.05 -10.78 5.71
C GLN A 62 -25.43 -11.42 5.90
N GLU A 63 -26.17 -11.54 4.81
CA GLU A 63 -27.49 -12.14 4.84
C GLU A 63 -27.77 -12.98 3.58
N ASP A 64 -28.13 -14.26 3.80
CA ASP A 64 -28.46 -15.17 2.71
C ASP A 64 -29.75 -14.61 2.09
N LEU A 65 -29.81 -14.50 0.77
CA LEU A 65 -30.98 -13.97 0.10
C LEU A 65 -31.86 -15.07 -0.50
N GLY A 66 -31.36 -16.30 -0.45
CA GLY A 66 -32.08 -17.43 -0.98
C GLY A 66 -31.19 -18.31 -1.83
N ASN A 67 -31.50 -18.37 -3.12
CA ASN A 67 -30.74 -19.21 -4.03
C ASN A 67 -29.36 -18.66 -4.39
N GLY A 68 -28.36 -19.18 -3.69
CA GLY A 68 -26.96 -18.81 -3.92
C GLY A 68 -26.47 -17.37 -3.84
N MET A 69 -27.32 -16.45 -3.40
CA MET A 69 -26.88 -15.07 -3.29
C MET A 69 -26.90 -14.63 -1.84
N LYS A 70 -25.89 -13.85 -1.47
CA LYS A 70 -25.79 -13.32 -0.12
C LYS A 70 -25.52 -11.83 -0.23
N ALA A 71 -26.09 -11.04 0.66
CA ALA A 71 -25.83 -9.61 0.64
C ALA A 71 -24.64 -9.36 1.60
N ILE A 72 -23.74 -8.44 1.25
CA ILE A 72 -22.58 -8.16 2.11
C ILE A 72 -22.21 -6.68 2.27
N TRP A 73 -21.99 -6.24 3.53
CA TRP A 73 -21.62 -4.86 3.82
C TRP A 73 -20.53 -4.77 4.90
N GLN A 74 -19.81 -3.65 4.92
CA GLN A 74 -18.75 -3.44 5.89
C GLN A 74 -18.39 -1.96 6.11
N LEU A 75 -18.27 -1.55 7.37
CA LEU A 75 -17.90 -0.17 7.74
C LEU A 75 -16.66 -0.28 8.66
N GLU A 76 -15.50 0.10 8.14
CA GLU A 76 -14.28 0.00 8.93
C GLU A 76 -13.69 1.40 9.09
N GLN A 77 -13.27 1.74 10.30
CA GLN A 77 -12.69 3.06 10.56
C GLN A 77 -11.29 2.98 11.14
N LYS A 78 -10.54 4.05 10.94
CA LYS A 78 -9.23 4.13 11.51
C LYS A 78 -9.58 4.48 12.95
N ALA A 79 -9.04 3.72 13.88
CA ALA A 79 -9.25 3.94 15.29
C ALA A 79 -7.89 3.93 15.98
N SER A 80 -7.21 5.08 16.08
CA SER A 80 -5.90 5.09 16.72
C SER A 80 -6.08 5.09 18.23
N ILE A 81 -5.28 4.31 18.96
CA ILE A 81 -5.41 4.31 20.41
C ILE A 81 -4.72 5.53 21.03
N ALA A 82 -4.26 6.44 20.17
CA ALA A 82 -3.61 7.66 20.66
C ALA A 82 -4.67 8.75 20.60
N GLY A 83 -5.80 8.43 19.98
CA GLY A 83 -6.89 9.39 19.84
C GLY A 83 -6.69 10.43 18.77
N THR A 84 -6.13 10.05 17.62
CA THR A 84 -5.88 10.99 16.53
C THR A 84 -6.75 10.78 15.31
N ASN A 85 -7.52 9.72 15.29
CA ASN A 85 -8.39 9.45 14.16
C ASN A 85 -9.82 9.90 14.41
N SER A 86 -10.59 10.01 13.33
CA SER A 86 -11.98 10.40 13.44
C SER A 86 -12.75 10.21 12.13
N GLY A 87 -13.98 9.76 12.26
CA GLY A 87 -14.77 9.57 11.07
C GLY A 87 -15.10 8.13 10.90
N TRP A 88 -16.12 7.89 10.06
CA TRP A 88 -16.59 6.54 9.75
C TRP A 88 -16.20 6.10 8.35
N GLY A 89 -16.14 4.80 8.15
CA GLY A 89 -15.80 4.26 6.85
C GLY A 89 -14.64 4.85 6.06
N ASN A 90 -13.53 5.22 6.73
CA ASN A 90 -12.37 5.75 6.00
C ASN A 90 -11.44 4.62 5.57
N ARG A 91 -11.70 3.45 6.13
CA ARG A 91 -10.96 2.26 5.76
C ARG A 91 -11.94 1.49 4.91
N GLN A 92 -11.55 0.36 4.33
CA GLN A 92 -12.50 -0.32 3.46
C GLN A 92 -13.89 -0.42 4.05
N SER A 93 -14.85 0.16 3.34
CA SER A 93 -16.23 0.15 3.76
C SER A 93 -17.09 -0.01 2.51
N PHE A 94 -18.05 -0.90 2.53
CA PHE A 94 -18.81 -1.10 1.32
C PHE A 94 -20.09 -1.90 1.51
N ILE A 95 -20.77 -2.10 0.39
CA ILE A 95 -22.00 -2.86 0.32
C ILE A 95 -21.91 -3.56 -1.04
N GLY A 96 -22.42 -4.79 -1.11
CA GLY A 96 -22.37 -5.53 -2.35
C GLY A 96 -23.09 -6.85 -2.30
N LEU A 97 -22.91 -7.65 -3.34
CA LEU A 97 -23.56 -8.94 -3.44
C LEU A 97 -22.57 -10.03 -3.84
N LYS A 98 -22.77 -11.22 -3.28
CA LYS A 98 -21.90 -12.36 -3.54
C LYS A 98 -22.77 -13.54 -3.96
N GLY A 99 -22.18 -14.46 -4.71
CA GLY A 99 -22.92 -15.62 -5.18
C GLY A 99 -22.08 -16.49 -6.08
N GLY A 100 -22.74 -17.30 -6.90
CA GLY A 100 -22.01 -18.16 -7.79
C GLY A 100 -21.13 -17.32 -8.70
N PHE A 101 -21.71 -16.23 -9.21
CA PHE A 101 -21.02 -15.33 -10.14
C PHE A 101 -19.78 -14.64 -9.57
N GLY A 102 -19.54 -14.79 -8.27
CA GLY A 102 -18.39 -14.13 -7.66
C GLY A 102 -18.84 -13.06 -6.70
N THR A 103 -18.17 -11.91 -6.71
CA THR A 103 -18.55 -10.83 -5.80
C THR A 103 -18.52 -9.45 -6.48
N VAL A 104 -19.47 -8.61 -6.11
CA VAL A 104 -19.57 -7.25 -6.66
C VAL A 104 -19.76 -6.24 -5.51
N ARG A 105 -18.82 -5.32 -5.38
CA ARG A 105 -18.88 -4.32 -4.31
C ARG A 105 -18.73 -2.87 -4.74
N ALA A 106 -19.34 -1.97 -3.97
CA ALA A 106 -19.27 -0.55 -4.24
C ALA A 106 -19.06 0.22 -2.93
N GLY A 107 -18.21 1.25 -2.96
CA GLY A 107 -17.96 2.04 -1.77
C GLY A 107 -16.50 2.39 -1.64
N ASN A 108 -16.09 2.83 -0.46
CA ASN A 108 -14.68 3.12 -0.27
C ASN A 108 -14.15 1.70 -0.40
N LEU A 109 -13.42 1.41 -1.46
CA LEU A 109 -12.91 0.06 -1.68
C LEU A 109 -11.40 0.07 -1.80
N ASN A 110 -10.77 -1.03 -1.41
CA ASN A 110 -9.33 -1.11 -1.53
C ASN A 110 -9.01 -1.25 -3.02
N THR A 111 -7.86 -0.74 -3.40
CA THR A 111 -7.44 -0.82 -4.79
C THR A 111 -6.87 -2.23 -5.00
N VAL A 112 -7.13 -2.85 -6.15
CA VAL A 112 -6.62 -4.19 -6.41
C VAL A 112 -5.12 -4.26 -6.06
N LEU A 113 -4.43 -3.16 -6.35
CA LEU A 113 -3.00 -3.07 -6.05
C LEU A 113 -2.78 -2.95 -4.52
N LYS A 114 -3.79 -2.46 -3.81
CA LYS A 114 -3.68 -2.32 -2.36
C LYS A 114 -3.83 -3.68 -1.69
N ASP A 115 -4.63 -4.57 -2.30
CA ASP A 115 -4.82 -5.91 -1.75
C ASP A 115 -3.55 -6.73 -2.04
N SER A 116 -3.05 -6.64 -3.26
CA SER A 116 -1.84 -7.35 -3.60
C SER A 116 -0.71 -6.93 -2.63
N GLY A 117 -0.95 -5.88 -1.85
CA GLY A 117 0.06 -5.42 -0.91
C GLY A 117 0.29 -6.39 0.23
N ASP A 118 -0.65 -7.30 0.46
CA ASP A 118 -0.51 -8.26 1.54
C ASP A 118 0.68 -9.20 1.41
N ASN A 119 1.04 -9.54 0.18
CA ASN A 119 2.17 -10.42 -0.03
C ASN A 119 3.44 -9.59 -0.26
N VAL A 120 3.30 -8.26 -0.27
CA VAL A 120 4.44 -7.40 -0.50
C VAL A 120 4.99 -6.72 0.77
N ASN A 121 4.09 -6.22 1.61
CA ASN A 121 4.49 -5.55 2.85
C ASN A 121 3.84 -6.24 4.05
N ALA A 122 4.64 -6.94 4.83
CA ALA A 122 4.16 -7.68 5.98
C ALA A 122 4.56 -7.03 7.31
N TRP A 123 5.06 -5.79 7.25
CA TRP A 123 5.49 -5.11 8.46
C TRP A 123 4.44 -4.21 9.10
N GLU A 124 4.59 -3.99 10.40
CA GLU A 124 3.71 -3.14 11.17
C GLU A 124 4.55 -1.98 11.67
N SER A 125 3.98 -0.79 11.71
CA SER A 125 4.69 0.40 12.18
C SER A 125 3.77 1.60 12.28
N GLY A 126 4.30 2.67 12.85
CA GLY A 126 3.53 3.90 12.98
C GLY A 126 3.67 4.64 11.67
N SER A 127 2.93 5.72 11.47
CA SER A 127 3.01 6.48 10.22
C SER A 127 4.38 7.05 9.91
N ASN A 128 4.99 7.72 10.89
CA ASN A 128 6.30 8.34 10.72
C ASN A 128 7.43 7.41 10.27
N THR A 129 7.25 6.11 10.43
CA THR A 129 8.25 5.14 10.04
C THR A 129 7.77 4.14 9.00
N GLU A 130 6.74 4.50 8.24
CA GLU A 130 6.20 3.60 7.23
C GLU A 130 7.14 3.33 6.03
N ASP A 131 8.21 4.09 5.91
CA ASP A 131 9.12 3.89 4.77
C ASP A 131 10.44 3.20 5.15
N VAL A 132 10.73 3.14 6.45
CA VAL A 132 11.94 2.53 6.98
C VAL A 132 11.65 1.28 7.83
N LEU A 133 10.45 1.19 8.41
CA LEU A 133 10.08 0.03 9.22
C LEU A 133 9.06 -0.82 8.49
N GLY A 134 8.88 -0.50 7.22
CA GLY A 134 7.94 -1.23 6.39
C GLY A 134 8.28 -0.88 4.96
N LEU A 135 7.89 -1.74 4.03
CA LEU A 135 8.15 -1.44 2.65
C LEU A 135 7.07 -0.44 2.28
N GLY A 136 7.37 0.83 2.52
CA GLY A 136 6.40 1.88 2.26
C GLY A 136 6.52 2.52 0.91
N THR A 137 7.75 2.64 0.44
CA THR A 137 7.97 3.26 -0.84
C THR A 137 7.33 2.46 -1.98
N ILE A 138 7.48 1.14 -1.99
CA ILE A 138 6.90 0.34 -3.06
C ILE A 138 5.38 0.31 -2.94
N GLY A 139 4.88 0.73 -1.78
CA GLY A 139 3.46 0.76 -1.51
C GLY A 139 2.85 2.15 -1.65
N ARG A 140 3.53 3.04 -2.37
CA ARG A 140 3.05 4.40 -2.60
C ARG A 140 1.97 4.43 -3.70
N VAL A 141 1.79 3.29 -4.38
CA VAL A 141 0.81 3.17 -5.45
C VAL A 141 -0.54 2.62 -4.94
N GLU A 142 -0.54 2.09 -3.72
CA GLU A 142 -1.73 1.53 -3.07
C GLU A 142 -2.61 2.62 -2.44
N SER A 143 -3.92 2.39 -2.45
CA SER A 143 -4.85 3.35 -1.86
C SER A 143 -6.28 2.80 -1.87
N ARG A 144 -7.22 3.62 -1.44
CA ARG A 144 -8.64 3.23 -1.46
C ARG A 144 -9.33 4.29 -2.28
N GLU A 145 -10.24 3.89 -3.16
CA GLU A 145 -10.96 4.82 -4.02
C GLU A 145 -12.43 4.52 -4.04
N ILE A 146 -13.26 5.55 -4.09
CA ILE A 146 -14.69 5.32 -4.15
C ILE A 146 -14.88 4.67 -5.50
N SER A 147 -15.38 3.43 -5.51
CA SER A 147 -15.53 2.73 -6.78
C SER A 147 -16.34 1.44 -6.69
N VAL A 148 -16.48 0.80 -7.85
CA VAL A 148 -17.18 -0.46 -7.98
C VAL A 148 -16.10 -1.49 -8.26
N ARG A 149 -16.34 -2.74 -7.88
CA ARG A 149 -15.31 -3.73 -8.07
C ARG A 149 -15.80 -5.17 -8.18
N TYR A 150 -15.28 -5.89 -9.16
CA TYR A 150 -15.66 -7.27 -9.36
C TYR A 150 -14.53 -8.21 -9.02
N ASP A 151 -14.89 -9.33 -8.40
CA ASP A 151 -13.94 -10.36 -8.02
C ASP A 151 -14.58 -11.68 -8.44
N SER A 152 -13.95 -12.34 -9.40
CA SER A 152 -14.46 -13.61 -9.90
C SER A 152 -13.93 -14.71 -9.00
N PRO A 153 -14.72 -15.79 -8.84
CA PRO A 153 -14.35 -16.95 -8.01
C PRO A 153 -12.97 -17.53 -8.34
N VAL A 154 -12.56 -18.54 -7.57
CA VAL A 154 -11.28 -19.19 -7.79
C VAL A 154 -11.46 -20.45 -8.63
N PHE A 155 -11.14 -20.37 -9.92
CA PHE A 155 -11.28 -21.51 -10.82
C PHE A 155 -9.92 -22.13 -11.18
N ALA A 156 -9.67 -23.32 -10.63
CA ALA A 156 -8.44 -24.06 -10.88
C ALA A 156 -7.18 -23.37 -10.37
N GLY A 157 -7.31 -22.65 -9.26
CA GLY A 157 -6.18 -21.95 -8.70
C GLY A 157 -6.19 -20.50 -9.18
N PHE A 158 -6.95 -20.25 -10.23
CA PHE A 158 -7.07 -18.91 -10.81
C PHE A 158 -8.24 -18.14 -10.20
N SER A 159 -8.01 -16.85 -9.96
CA SER A 159 -9.02 -15.96 -9.40
C SER A 159 -8.67 -14.57 -9.93
N GLY A 160 -9.69 -13.78 -10.27
CA GLY A 160 -9.42 -12.45 -10.81
C GLY A 160 -10.24 -11.29 -10.27
N SER A 161 -9.77 -10.05 -10.50
CA SER A 161 -10.45 -8.86 -10.02
C SER A 161 -10.38 -7.65 -10.98
N VAL A 162 -11.53 -7.04 -11.25
CA VAL A 162 -11.61 -5.87 -12.12
C VAL A 162 -12.34 -4.73 -11.36
N GLN A 163 -11.73 -3.55 -11.34
CA GLN A 163 -12.29 -2.43 -10.58
C GLN A 163 -12.19 -1.06 -11.27
N TYR A 164 -13.26 -0.27 -11.13
CA TYR A 164 -13.34 1.06 -11.77
C TYR A 164 -13.84 2.25 -10.89
N VAL A 165 -13.18 3.39 -11.07
CA VAL A 165 -13.47 4.65 -10.34
C VAL A 165 -14.00 5.70 -11.32
N PRO A 166 -15.29 5.99 -11.27
CA PRO A 166 -15.98 6.97 -12.13
C PRO A 166 -15.28 8.31 -12.30
N ARG A 167 -15.62 9.00 -13.40
CA ARG A 167 -15.03 10.31 -13.72
C ARG A 167 -15.54 11.36 -12.77
N ASP A 168 -16.77 11.19 -12.31
CA ASP A 168 -17.38 12.14 -11.38
C ASP A 168 -17.12 11.76 -9.91
N ASN A 169 -16.40 10.68 -9.67
CA ASN A 169 -16.08 10.27 -8.31
C ASN A 169 -14.63 10.65 -8.06
N ALA A 170 -13.86 10.67 -9.14
CA ALA A 170 -12.43 11.02 -9.10
C ALA A 170 -12.28 12.53 -9.17
N ASN A 171 -13.37 13.19 -9.52
CA ASN A 171 -13.42 14.64 -9.61
C ASN A 171 -14.89 14.99 -9.51
N ASP A 172 -15.30 15.56 -8.38
CA ASP A 172 -16.70 15.92 -8.18
C ASP A 172 -16.99 17.32 -8.70
N VAL A 173 -16.07 18.24 -8.43
CA VAL A 173 -16.20 19.63 -8.87
C VAL A 173 -16.58 19.76 -10.35
N ASP A 174 -16.00 18.89 -11.16
CA ASP A 174 -16.18 18.87 -12.61
C ASP A 174 -17.37 18.07 -13.13
N LYS A 175 -18.26 17.70 -12.22
CA LYS A 175 -19.46 16.92 -12.50
C LYS A 175 -20.33 17.29 -13.70
N TYR A 176 -20.71 18.56 -13.76
CA TYR A 176 -21.60 19.09 -14.81
C TYR A 176 -20.94 19.86 -15.95
N LYS A 177 -19.71 20.29 -15.72
CA LYS A 177 -18.95 21.00 -16.74
C LYS A 177 -17.72 20.14 -16.91
N HIS A 178 -17.73 19.18 -17.83
CA HIS A 178 -16.54 18.37 -18.01
C HIS A 178 -15.53 19.23 -18.77
N THR A 179 -14.67 19.92 -18.01
CA THR A 179 -13.67 20.80 -18.58
C THR A 179 -12.27 20.33 -18.20
N LYS A 180 -12.19 19.44 -17.23
CA LYS A 180 -10.92 18.85 -16.80
C LYS A 180 -10.94 17.42 -17.34
N SER A 181 -9.81 16.96 -17.84
CA SER A 181 -9.74 15.61 -18.37
C SER A 181 -10.12 14.60 -17.29
N SER A 182 -10.90 13.60 -17.68
CA SER A 182 -11.34 12.57 -16.75
C SER A 182 -10.18 11.90 -16.00
N ARG A 183 -10.37 11.76 -14.69
CA ARG A 183 -9.38 11.12 -13.83
C ARG A 183 -9.89 9.73 -13.47
N GLU A 184 -10.82 9.24 -14.27
CA GLU A 184 -11.40 7.92 -14.03
C GLU A 184 -10.29 6.93 -14.25
N SER A 185 -10.32 5.84 -13.49
CA SER A 185 -9.26 4.83 -13.59
C SER A 185 -9.74 3.38 -13.46
N TYR A 186 -8.99 2.47 -14.07
CA TYR A 186 -9.30 1.04 -14.03
C TYR A 186 -8.24 0.28 -13.27
N HIS A 187 -8.68 -0.71 -12.51
CA HIS A 187 -7.78 -1.56 -11.74
C HIS A 187 -8.13 -3.01 -11.96
N ALA A 188 -7.11 -3.83 -12.17
CA ALA A 188 -7.32 -5.23 -12.40
C ALA A 188 -6.17 -6.04 -11.85
N GLY A 189 -6.45 -7.30 -11.55
CA GLY A 189 -5.45 -8.20 -11.01
C GLY A 189 -5.85 -9.64 -11.26
N LEU A 190 -4.85 -10.51 -11.39
CA LEU A 190 -5.05 -11.93 -11.65
C LEU A 190 -4.24 -12.68 -10.61
N LYS A 191 -4.78 -13.81 -10.14
CA LYS A 191 -4.11 -14.58 -9.09
C LYS A 191 -4.15 -16.10 -9.28
N TYR A 192 -2.99 -16.76 -9.16
CA TYR A 192 -2.91 -18.22 -9.28
C TYR A 192 -2.27 -18.82 -8.02
N GLU A 193 -2.91 -19.84 -7.47
CA GLU A 193 -2.39 -20.50 -6.27
C GLU A 193 -2.40 -22.01 -6.43
N ASN A 194 -1.31 -22.65 -6.03
CA ASN A 194 -1.18 -24.10 -6.15
C ASN A 194 -0.16 -24.67 -5.16
N ALA A 195 -0.60 -25.57 -4.29
CA ALA A 195 0.27 -26.22 -3.31
C ALA A 195 1.29 -25.32 -2.62
N GLY A 196 0.87 -24.14 -2.20
CA GLY A 196 1.78 -23.24 -1.50
C GLY A 196 2.53 -22.29 -2.41
N PHE A 197 2.33 -22.45 -3.71
CA PHE A 197 2.97 -21.59 -4.70
C PHE A 197 1.93 -20.63 -5.21
N PHE A 198 2.29 -19.35 -5.28
CA PHE A 198 1.35 -18.36 -5.77
C PHE A 198 2.00 -17.16 -6.44
N GLY A 199 1.41 -16.78 -7.57
CA GLY A 199 1.86 -15.64 -8.36
C GLY A 199 0.67 -14.80 -8.79
N GLN A 200 0.83 -13.49 -8.77
CA GLN A 200 -0.26 -12.62 -9.15
C GLN A 200 0.22 -11.32 -9.76
N TYR A 201 -0.61 -10.82 -10.68
CA TYR A 201 -0.35 -9.57 -11.36
C TYR A 201 -1.46 -8.65 -10.88
N ALA A 202 -1.11 -7.40 -10.63
CA ALA A 202 -2.07 -6.42 -10.18
C ALA A 202 -1.56 -5.11 -10.75
N GLY A 203 -2.50 -4.28 -11.18
CA GLY A 203 -2.12 -3.00 -11.75
C GLY A 203 -3.30 -2.08 -11.95
N SER A 204 -3.00 -0.87 -12.42
CA SER A 204 -4.03 0.13 -12.66
C SER A 204 -3.60 1.10 -13.75
N PHE A 205 -4.57 1.64 -14.47
CA PHE A 205 -4.30 2.59 -15.54
C PHE A 205 -5.28 3.77 -15.43
N ALA A 206 -4.78 4.96 -15.71
CA ALA A 206 -5.58 6.18 -15.66
C ALA A 206 -5.14 7.07 -16.81
N LYS A 207 -6.06 7.36 -17.73
CA LYS A 207 -5.71 8.20 -18.88
C LYS A 207 -5.13 9.53 -18.39
N TYR A 208 -5.71 10.04 -17.32
CA TYR A 208 -5.24 11.29 -16.72
C TYR A 208 -5.27 11.20 -15.21
N ALA A 209 -4.20 11.67 -14.57
CA ALA A 209 -4.10 11.63 -13.11
C ALA A 209 -3.08 12.64 -12.62
N ASP A 210 -2.99 12.80 -11.29
CA ASP A 210 -2.07 13.75 -10.66
C ASP A 210 -1.17 13.08 -9.60
N LEU A 211 0.10 13.44 -9.59
CA LEU A 211 1.06 12.88 -8.65
C LEU A 211 1.77 13.97 -7.86
N ASN A 212 2.17 13.67 -6.63
CA ASN A 212 2.92 14.66 -5.87
C ASN A 212 4.38 14.27 -6.13
N THR A 213 5.33 15.02 -5.60
CA THR A 213 6.74 14.70 -5.83
C THR A 213 7.20 13.35 -5.28
N ASP A 214 6.33 12.67 -4.52
CA ASP A 214 6.68 11.37 -3.96
C ASP A 214 6.09 10.24 -4.78
N ALA A 215 5.69 10.58 -6.00
CA ALA A 215 5.11 9.63 -6.93
C ALA A 215 3.80 9.02 -6.45
N GLU A 216 3.17 9.67 -5.46
CA GLU A 216 1.90 9.23 -4.90
C GLU A 216 0.78 9.95 -5.64
N ARG A 217 -0.37 9.29 -5.78
CA ARG A 217 -1.50 9.89 -6.47
C ARG A 217 -2.31 10.77 -5.52
N VAL A 218 -2.58 12.00 -5.95
CA VAL A 218 -3.34 12.95 -5.15
C VAL A 218 -4.58 13.45 -5.91
N ALA A 219 -5.53 14.00 -5.16
CA ALA A 219 -6.76 14.52 -5.76
C ALA A 219 -6.47 15.70 -6.68
N VAL A 220 -7.20 15.78 -7.79
CA VAL A 220 -7.00 16.87 -8.73
C VAL A 220 -7.03 18.19 -7.97
N ASN A 221 -6.22 19.15 -8.41
CA ASN A 221 -6.16 20.45 -7.76
C ASN A 221 -5.60 20.46 -6.34
N THR A 222 -4.68 19.55 -6.05
CA THR A 222 -4.01 19.57 -4.76
C THR A 222 -2.94 20.62 -5.13
N ALA A 223 -2.45 21.36 -4.13
CA ALA A 223 -1.50 22.47 -4.37
C ALA A 223 -0.24 22.21 -5.19
N ASN A 224 0.58 21.29 -4.72
CA ASN A 224 1.78 20.91 -5.44
C ASN A 224 1.41 19.51 -5.84
N ALA A 225 0.87 19.44 -7.05
CA ALA A 225 0.42 18.23 -7.66
C ALA A 225 0.77 18.42 -9.13
N HIS A 226 1.30 17.39 -9.76
CA HIS A 226 1.68 17.48 -11.15
C HIS A 226 0.77 16.61 -12.01
N PRO A 227 0.00 17.22 -12.93
CA PRO A 227 -0.88 16.39 -13.77
C PRO A 227 -0.10 15.45 -14.70
N VAL A 228 -0.63 14.24 -14.90
CA VAL A 228 0.03 13.30 -15.78
C VAL A 228 -0.97 12.65 -16.72
N LYS A 229 -0.44 12.03 -17.78
CA LYS A 229 -1.24 11.35 -18.79
C LYS A 229 -0.77 9.90 -18.86
N ASP A 230 -1.67 9.01 -19.29
CA ASP A 230 -1.36 7.59 -19.41
C ASP A 230 -0.60 7.01 -18.21
N TYR A 231 -1.12 7.28 -17.01
CA TYR A 231 -0.53 6.79 -15.76
C TYR A 231 -0.85 5.31 -15.54
N GLN A 232 0.18 4.46 -15.63
CA GLN A 232 -0.01 3.02 -15.46
C GLN A 232 0.91 2.42 -14.40
N VAL A 233 0.38 1.48 -13.63
CA VAL A 233 1.14 0.83 -12.56
C VAL A 233 1.03 -0.69 -12.71
N HIS A 234 2.17 -1.37 -12.75
CA HIS A 234 2.19 -2.82 -12.86
C HIS A 234 2.92 -3.50 -11.72
N ARG A 235 2.35 -4.61 -11.27
CA ARG A 235 2.94 -5.34 -10.17
C ARG A 235 2.75 -6.83 -10.31
N VAL A 236 3.86 -7.55 -10.16
CA VAL A 236 3.83 -8.99 -10.24
C VAL A 236 4.42 -9.48 -8.92
N VAL A 237 3.69 -10.36 -8.25
CA VAL A 237 4.20 -10.90 -7.01
C VAL A 237 4.02 -12.39 -7.03
N ALA A 238 5.10 -13.11 -6.78
CA ALA A 238 5.07 -14.56 -6.76
C ALA A 238 5.79 -15.03 -5.51
N GLY A 239 5.48 -16.23 -5.05
CA GLY A 239 6.12 -16.73 -3.85
C GLY A 239 5.55 -18.01 -3.30
N TYR A 240 6.11 -18.47 -2.18
CA TYR A 240 5.66 -19.71 -1.56
C TYR A 240 5.25 -19.42 -0.12
N ASP A 241 4.06 -19.88 0.24
CA ASP A 241 3.56 -19.68 1.59
C ASP A 241 2.91 -20.95 2.16
N ALA A 242 3.69 -21.72 2.92
CA ALA A 242 3.22 -22.96 3.54
C ALA A 242 4.37 -23.59 4.35
N ASN A 243 4.12 -24.77 4.90
CA ASN A 243 5.10 -25.53 5.71
C ASN A 243 6.06 -24.69 6.57
N ASP A 244 5.52 -23.68 7.26
CA ASP A 244 6.33 -22.80 8.12
C ASP A 244 7.27 -21.93 7.32
N LEU A 245 7.11 -21.92 6.00
CA LEU A 245 7.98 -21.12 5.15
C LEU A 245 7.23 -20.11 4.30
N TYR A 246 7.82 -18.92 4.20
CA TYR A 246 7.24 -17.85 3.40
C TYR A 246 8.34 -17.10 2.65
N VAL A 247 8.17 -17.01 1.34
CA VAL A 247 9.11 -16.30 0.48
C VAL A 247 8.28 -15.52 -0.53
N SER A 248 8.65 -14.27 -0.75
CA SER A 248 7.89 -13.43 -1.67
C SER A 248 8.71 -12.40 -2.45
N VAL A 249 8.65 -12.46 -3.76
CA VAL A 249 9.35 -11.49 -4.59
C VAL A 249 8.32 -10.68 -5.36
N ALA A 250 8.55 -9.38 -5.44
CA ALA A 250 7.62 -8.52 -6.13
C ALA A 250 8.32 -7.52 -7.03
N GLY A 251 7.73 -7.31 -8.20
CA GLY A 251 8.28 -6.36 -9.14
C GLY A 251 7.25 -5.31 -9.48
N GLN A 252 7.67 -4.07 -9.64
CA GLN A 252 6.73 -3.01 -9.93
C GLN A 252 7.26 -1.92 -10.85
N TYR A 253 6.46 -1.63 -11.86
CA TYR A 253 6.80 -0.62 -12.85
C TYR A 253 5.75 0.48 -12.82
N GLU A 254 6.21 1.72 -12.92
CA GLU A 254 5.33 2.87 -12.93
C GLU A 254 5.82 3.85 -13.96
N ALA A 255 4.90 4.39 -14.74
CA ALA A 255 5.26 5.35 -15.78
C ALA A 255 4.06 6.17 -16.19
N ALA A 256 4.32 7.42 -16.58
CA ALA A 256 3.28 8.34 -17.02
C ALA A 256 3.95 9.45 -17.79
N LYS A 257 3.15 10.17 -18.58
CA LYS A 257 3.65 11.29 -19.38
C LYS A 257 3.25 12.60 -18.73
N ASN A 258 4.21 13.51 -18.65
CA ASN A 258 4.00 14.83 -18.07
C ASN A 258 2.85 15.54 -18.77
N ASN A 259 1.85 15.96 -18.02
CA ASN A 259 0.72 16.63 -18.61
C ASN A 259 0.52 18.03 -18.04
N GLU A 260 1.58 18.57 -17.44
CA GLU A 260 1.52 19.91 -16.86
C GLU A 260 1.93 20.93 -17.92
N VAL A 261 0.97 21.77 -18.31
CA VAL A 261 1.20 22.79 -19.32
C VAL A 261 2.47 23.61 -19.07
N GLY A 262 3.33 23.57 -20.10
CA GLY A 262 4.60 24.27 -20.06
C GLY A 262 5.54 23.63 -21.06
N SER A 263 6.81 23.93 -20.90
CA SER A 263 7.86 23.44 -21.78
C SER A 263 8.10 21.93 -21.73
N ILE A 264 7.88 21.29 -20.57
CA ILE A 264 8.14 19.86 -20.43
C ILE A 264 6.95 18.90 -20.58
N LYS A 265 5.79 19.43 -20.95
CA LYS A 265 4.61 18.59 -21.15
C LYS A 265 4.88 17.46 -22.15
N GLY A 266 4.35 16.28 -21.91
CA GLY A 266 4.57 15.17 -22.82
C GLY A 266 5.74 14.25 -22.45
N LYS A 267 6.78 14.81 -21.83
CA LYS A 267 7.95 14.04 -21.43
C LYS A 267 7.60 12.87 -20.51
N LYS A 268 8.40 11.81 -20.55
CA LYS A 268 8.15 10.59 -19.77
C LYS A 268 8.70 10.42 -18.33
N HIS A 269 7.83 9.92 -17.45
CA HIS A 269 8.17 9.64 -16.04
C HIS A 269 8.09 8.11 -15.86
N GLU A 270 9.01 7.54 -15.09
CA GLU A 270 8.99 6.11 -14.88
C GLU A 270 9.97 5.65 -13.81
N GLN A 271 9.60 4.57 -13.12
CA GLN A 271 10.46 3.97 -12.11
C GLN A 271 10.09 2.51 -11.87
N THR A 272 11.14 1.72 -11.66
CA THR A 272 11.03 0.29 -11.43
C THR A 272 11.42 -0.01 -10.01
N GLN A 273 10.59 -0.79 -9.35
CA GLN A 273 10.85 -1.16 -7.97
C GLN A 273 10.74 -2.64 -7.76
N VAL A 274 11.63 -3.16 -6.91
CA VAL A 274 11.60 -4.58 -6.58
C VAL A 274 11.60 -4.72 -5.06
N ALA A 275 10.96 -5.77 -4.58
CA ALA A 275 10.89 -6.03 -3.14
C ALA A 275 10.94 -7.52 -2.88
N ALA A 276 11.70 -7.91 -1.86
CA ALA A 276 11.86 -9.31 -1.49
C ALA A 276 11.69 -9.53 0.00
N THR A 277 11.01 -10.62 0.34
CA THR A 277 10.74 -10.94 1.74
C THR A 277 10.66 -12.45 1.94
N ALA A 278 11.23 -12.90 3.06
CA ALA A 278 11.21 -14.32 3.42
C ALA A 278 11.02 -14.40 4.93
N ALA A 279 10.44 -15.51 5.39
CA ALA A 279 10.22 -15.73 6.81
C ALA A 279 10.00 -17.21 7.11
N TYR A 280 10.56 -17.67 8.22
CA TYR A 280 10.40 -19.05 8.63
C TYR A 280 9.76 -19.07 9.98
N ARG A 281 8.84 -20.02 10.15
CA ARG A 281 8.15 -20.17 11.40
C ARG A 281 8.74 -21.26 12.25
N PHE A 282 9.50 -20.84 13.25
CA PHE A 282 10.02 -21.79 14.20
C PHE A 282 8.67 -21.85 14.98
N GLY A 283 8.53 -22.54 16.11
CA GLY A 283 7.19 -22.64 16.73
C GLY A 283 6.16 -21.50 16.88
N ASN A 284 6.57 -20.51 17.67
CA ASN A 284 5.75 -19.33 17.95
C ASN A 284 6.52 -18.08 17.57
N VAL A 285 7.77 -18.28 17.15
CA VAL A 285 8.59 -17.15 16.72
C VAL A 285 8.72 -17.26 15.21
N THR A 286 8.66 -16.11 14.55
CA THR A 286 8.74 -16.08 13.10
C THR A 286 9.74 -15.03 12.67
N PRO A 287 11.02 -15.40 12.55
CA PRO A 287 11.88 -14.31 12.11
C PRO A 287 11.50 -13.97 10.65
N ARG A 288 11.98 -12.81 10.19
CA ARG A 288 11.68 -12.37 8.84
C ARG A 288 12.63 -11.27 8.37
N VAL A 289 12.86 -11.24 7.07
CA VAL A 289 13.74 -10.25 6.50
C VAL A 289 13.19 -9.83 5.13
N SER A 290 13.38 -8.55 4.80
CA SER A 290 12.91 -7.99 3.54
C SER A 290 13.87 -6.96 2.96
N TYR A 291 13.99 -6.94 1.63
CA TYR A 291 14.83 -5.98 0.93
C TYR A 291 13.94 -5.30 -0.11
N ALA A 292 14.31 -4.08 -0.46
CA ALA A 292 13.57 -3.35 -1.45
C ALA A 292 14.52 -2.35 -2.10
N HIS A 293 14.34 -2.17 -3.42
CA HIS A 293 15.15 -1.25 -4.19
C HIS A 293 14.28 -0.49 -5.19
N GLY A 294 14.67 0.76 -5.44
CA GLY A 294 13.98 1.60 -6.39
C GLY A 294 15.05 2.09 -7.33
N PHE A 295 15.04 1.57 -8.56
CA PHE A 295 16.03 1.96 -9.56
C PHE A 295 15.93 3.45 -9.88
N LYS A 296 16.99 4.00 -10.48
CA LYS A 296 16.98 5.40 -10.85
C LYS A 296 15.70 5.68 -11.65
N ALA A 297 15.05 6.80 -11.35
CA ALA A 297 13.78 7.16 -12.01
C ALA A 297 13.93 8.22 -13.11
N LYS A 298 13.18 8.02 -14.21
CA LYS A 298 13.21 8.95 -15.33
C LYS A 298 12.12 9.99 -15.13
N VAL A 299 12.53 11.23 -14.88
CA VAL A 299 11.60 12.33 -14.67
C VAL A 299 11.75 13.37 -15.79
N ASN A 300 10.70 13.49 -16.59
CA ASN A 300 10.70 14.40 -17.73
C ASN A 300 11.77 13.91 -18.71
N GLY A 301 11.88 12.59 -18.85
CA GLY A 301 12.85 12.01 -19.75
C GLY A 301 14.26 11.88 -19.21
N VAL A 302 14.59 12.63 -18.15
CA VAL A 302 15.94 12.58 -17.57
C VAL A 302 16.08 11.66 -16.37
N LYS A 303 17.25 11.02 -16.23
CA LYS A 303 17.52 10.12 -15.10
C LYS A 303 17.60 10.93 -13.80
N ASP A 304 16.79 10.54 -12.82
CA ASP A 304 16.78 11.22 -11.53
C ASP A 304 17.15 10.17 -10.48
N ALA A 305 18.29 10.39 -9.81
CA ALA A 305 18.78 9.47 -8.80
C ALA A 305 18.25 9.78 -7.39
N ASN A 306 17.41 10.80 -7.29
CA ASN A 306 16.82 11.16 -6.00
C ASN A 306 15.79 10.08 -5.64
N TYR A 307 15.14 9.52 -6.65
CA TYR A 307 14.13 8.49 -6.46
C TYR A 307 14.68 7.08 -6.24
N GLN A 308 15.97 6.89 -6.46
CA GLN A 308 16.60 5.59 -6.27
C GLN A 308 16.71 5.35 -4.78
N TYR A 309 16.50 4.10 -4.35
CA TYR A 309 16.64 3.80 -2.92
C TYR A 309 16.94 2.33 -2.65
N ASP A 310 17.42 2.06 -1.43
CA ASP A 310 17.76 0.72 -0.99
C ASP A 310 17.31 0.57 0.46
N GLN A 311 16.59 -0.50 0.76
CA GLN A 311 16.14 -0.71 2.14
C GLN A 311 16.02 -2.18 2.52
N VAL A 312 16.40 -2.46 3.77
CA VAL A 312 16.36 -3.80 4.33
C VAL A 312 15.77 -3.81 5.74
N ILE A 313 14.75 -4.64 5.93
CA ILE A 313 14.10 -4.76 7.24
C ILE A 313 14.15 -6.19 7.78
N VAL A 314 14.65 -6.28 9.01
CA VAL A 314 14.78 -7.56 9.71
C VAL A 314 13.87 -7.47 10.94
N GLY A 315 13.24 -8.58 11.29
CA GLY A 315 12.36 -8.57 12.43
C GLY A 315 11.77 -9.92 12.73
N ALA A 316 11.03 -10.01 13.84
CA ALA A 316 10.40 -11.24 14.24
C ALA A 316 9.10 -10.94 14.98
N ASP A 317 8.19 -11.90 14.92
CA ASP A 317 6.88 -11.80 15.58
C ASP A 317 6.71 -12.95 16.55
N TYR A 318 6.38 -12.64 17.80
CA TYR A 318 6.16 -13.72 18.74
C TYR A 318 4.66 -13.88 18.90
N ASP A 319 4.14 -15.04 18.50
CA ASP A 319 2.71 -15.31 18.61
C ASP A 319 2.35 -15.88 19.97
N PHE A 320 1.71 -15.06 20.80
CA PHE A 320 1.24 -15.48 22.12
C PHE A 320 0.05 -16.41 21.86
N SER A 321 -0.78 -16.01 20.90
CA SER A 321 -1.95 -16.79 20.48
C SER A 321 -2.18 -16.43 19.02
N LYS A 322 -3.17 -17.05 18.39
CA LYS A 322 -3.45 -16.77 16.99
C LYS A 322 -3.85 -15.30 16.75
N ARG A 323 -4.37 -14.64 17.79
CA ARG A 323 -4.80 -13.27 17.63
C ARG A 323 -3.80 -12.23 18.13
N THR A 324 -3.00 -12.60 19.14
CA THR A 324 -2.01 -11.68 19.71
C THR A 324 -0.56 -12.00 19.37
N SER A 325 0.20 -10.97 18.99
CA SER A 325 1.61 -11.13 18.64
C SER A 325 2.43 -10.03 19.29
N ALA A 326 3.72 -10.32 19.47
CA ALA A 326 4.65 -9.34 20.01
C ALA A 326 5.47 -9.04 18.76
N LEU A 327 5.85 -7.77 18.55
CA LEU A 327 6.59 -7.41 17.36
C LEU A 327 7.90 -6.68 17.62
N VAL A 328 8.88 -6.98 16.78
CA VAL A 328 10.20 -6.36 16.87
C VAL A 328 10.70 -6.24 15.45
N SER A 329 11.31 -5.11 15.12
CA SER A 329 11.85 -4.89 13.77
C SER A 329 12.79 -3.70 13.68
N ALA A 330 13.66 -3.73 12.67
CA ALA A 330 14.62 -2.67 12.42
C ALA A 330 14.74 -2.47 10.91
N GLY A 331 15.13 -1.26 10.50
CA GLY A 331 15.24 -0.98 9.08
C GLY A 331 16.27 0.05 8.68
N TRP A 332 17.02 -0.26 7.64
CA TRP A 332 18.03 0.65 7.16
C TRP A 332 17.56 1.08 5.79
N LEU A 333 17.46 2.38 5.60
CA LEU A 333 17.01 2.94 4.33
C LEU A 333 17.86 4.09 3.81
N LYS A 334 18.23 4.00 2.53
CA LYS A 334 19.02 5.05 1.87
C LYS A 334 18.27 5.53 0.64
N GLN A 335 18.18 6.85 0.51
CA GLN A 335 17.47 7.49 -0.60
C GLN A 335 18.35 8.46 -1.40
N GLY A 336 18.18 8.45 -2.71
CA GLY A 336 18.96 9.32 -3.57
C GLY A 336 20.40 8.88 -3.75
N LYS A 337 21.30 9.85 -3.95
CA LYS A 337 22.71 9.58 -4.16
C LYS A 337 23.46 10.91 -3.95
N GLY A 338 24.66 10.84 -3.40
CA GLY A 338 25.46 12.05 -3.19
C GLY A 338 25.24 12.89 -1.94
N ALA A 339 25.05 14.19 -2.16
CA ALA A 339 24.85 15.15 -1.09
C ALA A 339 23.38 15.42 -0.78
N GLY A 340 22.50 15.09 -1.73
CA GLY A 340 21.09 15.29 -1.51
C GLY A 340 20.55 14.05 -0.81
N LYS A 341 21.44 13.08 -0.67
CA LYS A 341 21.18 11.78 -0.06
C LYS A 341 20.63 11.78 1.38
N VAL A 342 19.69 10.86 1.64
CA VAL A 342 19.05 10.72 2.94
C VAL A 342 19.04 9.26 3.41
N GLU A 343 19.50 9.04 4.64
CA GLU A 343 19.55 7.70 5.23
C GLU A 343 18.69 7.66 6.48
N GLN A 344 17.84 6.65 6.55
CA GLN A 344 16.95 6.47 7.67
C GLN A 344 17.12 5.11 8.32
N THR A 345 17.27 5.13 9.63
CA THR A 345 17.42 3.91 10.41
C THR A 345 16.39 3.99 11.52
N ALA A 346 15.71 2.88 11.77
CA ALA A 346 14.71 2.84 12.84
C ALA A 346 14.48 1.42 13.32
N SER A 347 13.99 1.31 14.54
CA SER A 347 13.69 0.01 15.14
C SER A 347 12.52 0.16 16.10
N MET A 348 11.77 -0.93 16.29
CA MET A 348 10.64 -0.87 17.18
C MET A 348 10.32 -2.18 17.87
N VAL A 349 9.55 -2.04 18.94
CA VAL A 349 9.08 -3.18 19.69
C VAL A 349 7.64 -2.78 19.93
N GLY A 350 6.71 -3.71 19.72
CA GLY A 350 5.30 -3.41 19.91
C GLY A 350 4.39 -4.59 20.11
N LEU A 351 3.08 -4.33 20.07
CA LEU A 351 2.08 -5.36 20.29
C LEU A 351 0.85 -5.26 19.38
N ARG A 352 0.34 -6.41 18.96
CA ARG A 352 -0.83 -6.44 18.07
C ARG A 352 -1.89 -7.43 18.54
N HIS A 353 -3.11 -6.94 18.77
CA HIS A 353 -4.22 -7.79 19.18
C HIS A 353 -5.37 -7.69 18.17
N LYS A 354 -5.73 -8.82 17.55
CA LYS A 354 -6.81 -8.86 16.58
C LYS A 354 -8.05 -9.39 17.27
N PHE A 355 -9.19 -8.72 17.05
CA PHE A 355 -10.47 -9.18 17.63
C PHE A 355 -11.60 -9.33 16.59
#